data_8GSZ
#
_entry.id   8GSZ
#
_entity_poly.entity_id   1
_entity_poly.type   'polypeptide(L)'
_entity_poly.pdbx_seq_one_letter_code
;MPHSSLHPSIPCPRGHGAQKAALVLLSACLVTLWGLGEPPEHTLRYLVLHLASLQLGLLLNGVCSLAEELRHIHSRYRGS
YWRTVRACLGCPLRRGALLLLSIYFYYSLPNAVGPPFTWMLALLGLSQALNILLGLKGLAPAEISALCEKGNFNVAHGLA
WSYYIGYLRLILPELQARIRTYNQHYNNLLRGAVSQRLYILLPLDCGVPDNLSMADPNIRFLDKLPQQTGDHAGIKDRVY
SNSIYELLENGQRAGTCVLEYATPLQTLFAMSQYSQAGFSREDRLEQAKLFCRTLEDILADAPESQNNCRLIAYQEPADD
SSFSLSQEVLRHLRQEEKEEVTVGSLKTSAVPSTSTMSQEPELLISGMEKPLPLRTDFS
;
_entity_poly.pdbx_strand_id   A,B
#
# COMPACT_ATOMS: atom_id res chain seq x y z
N HIS A 3 -17.73 7.33 13.40
CA HIS A 3 -18.32 6.09 12.93
C HIS A 3 -18.63 6.17 11.44
N SER A 4 -19.89 6.48 11.13
CA SER A 4 -20.43 6.63 9.77
C SER A 4 -20.20 5.39 8.91
N SER A 5 -20.19 4.21 9.52
CA SER A 5 -19.93 2.97 8.79
C SER A 5 -21.20 2.53 8.08
N LEU A 6 -21.06 2.17 6.81
CA LEU A 6 -22.17 1.67 6.02
C LEU A 6 -22.45 0.20 6.26
N HIS A 7 -21.57 -0.49 6.98
CA HIS A 7 -21.78 -1.89 7.32
C HIS A 7 -20.98 -2.19 8.57
N PRO A 8 -21.49 -3.02 9.49
CA PRO A 8 -20.74 -3.28 10.73
C PRO A 8 -19.47 -4.09 10.53
N SER A 9 -19.32 -4.81 9.42
CA SER A 9 -18.08 -5.55 9.21
C SER A 9 -16.94 -4.63 8.81
N ILE A 10 -17.24 -3.50 8.21
CA ILE A 10 -16.21 -2.61 7.70
C ILE A 10 -15.58 -1.84 8.86
N PRO A 11 -14.27 -1.89 9.04
CA PRO A 11 -13.66 -1.24 10.20
C PRO A 11 -13.55 0.27 10.03
N CYS A 12 -13.83 0.98 11.11
CA CYS A 12 -13.60 2.40 11.14
C CYS A 12 -12.09 2.68 11.18
N PRO A 13 -11.65 3.85 10.73
CA PRO A 13 -10.23 4.16 10.79
C PRO A 13 -9.74 4.31 12.23
N ARG A 14 -8.46 3.99 12.42
CA ARG A 14 -7.89 3.94 13.76
C ARG A 14 -7.72 5.33 14.34
N GLY A 15 -8.35 5.58 15.47
CA GLY A 15 -8.29 6.87 16.13
C GLY A 15 -7.15 6.97 17.12
N HIS A 16 -7.28 7.93 18.03
CA HIS A 16 -6.25 8.20 19.03
C HIS A 16 -6.47 7.43 20.32
N GLY A 17 -7.15 6.29 20.25
CA GLY A 17 -7.31 5.47 21.44
C GLY A 17 -6.04 4.81 21.91
N ALA A 18 -5.04 4.69 21.04
CA ALA A 18 -3.77 4.11 21.43
C ALA A 18 -3.02 5.04 22.37
N GLN A 19 -2.83 6.30 21.96
CA GLN A 19 -2.04 7.24 22.76
C GLN A 19 -2.78 7.71 23.99
N LYS A 20 -4.12 7.64 24.01
CA LYS A 20 -4.85 8.06 25.20
C LYS A 20 -4.79 7.00 26.29
N ALA A 21 -4.43 5.77 25.96
CA ALA A 21 -4.13 4.78 26.98
C ALA A 21 -2.74 4.98 27.56
N ALA A 22 -1.87 5.71 26.86
CA ALA A 22 -0.54 5.99 27.40
C ALA A 22 -0.61 7.03 28.52
N LEU A 23 -1.65 7.87 28.52
CA LEU A 23 -1.87 8.77 29.65
C LEU A 23 -2.18 7.98 30.91
N VAL A 24 -2.88 6.86 30.78
CA VAL A 24 -3.14 5.99 31.91
C VAL A 24 -1.85 5.32 32.37
N LEU A 25 -1.02 4.89 31.42
CA LEU A 25 0.24 4.25 31.76
C LEU A 25 1.22 5.26 32.35
N LEU A 26 1.17 6.51 31.86
CA LEU A 26 1.99 7.57 32.45
C LEU A 26 1.50 7.90 33.85
N SER A 27 0.20 7.91 34.07
CA SER A 27 -0.33 8.20 35.40
C SER A 27 -0.10 7.04 36.36
N ALA A 28 -0.09 5.81 35.86
CA ALA A 28 0.07 4.66 36.73
C ALA A 28 1.47 4.56 37.30
N CYS A 29 2.48 4.97 36.54
CA CYS A 29 3.82 5.04 37.09
C CYS A 29 4.07 6.33 37.85
N LEU A 30 3.19 7.33 37.71
CA LEU A 30 3.32 8.57 38.43
C LEU A 30 2.42 8.65 39.65
N VAL A 31 1.47 7.72 39.83
CA VAL A 31 0.83 7.60 41.13
C VAL A 31 1.66 6.74 42.08
N THR A 32 2.77 6.19 41.59
CA THR A 32 3.79 5.57 42.40
C THR A 32 4.77 6.60 42.97
N LEU A 33 4.48 7.90 42.80
CA LEU A 33 5.45 8.96 43.05
C LEU A 33 5.85 9.05 44.53
N TRP A 34 4.91 8.87 45.44
CA TRP A 34 5.30 8.87 46.85
C TRP A 34 6.05 7.60 47.22
N GLY A 35 5.75 6.50 46.54
CA GLY A 35 6.58 5.32 46.62
C GLY A 35 7.90 5.46 45.90
N LEU A 36 8.02 6.43 45.00
CA LEU A 36 9.27 6.78 44.35
C LEU A 36 10.03 7.87 45.08
N GLY A 37 9.32 8.83 45.68
CA GLY A 37 9.94 10.03 46.20
C GLY A 37 10.70 9.84 47.51
N GLU A 38 10.39 8.80 48.26
CA GLU A 38 11.01 8.60 49.56
C GLU A 38 10.93 7.14 50.01
N GLU A 41 15.87 11.39 45.60
CA GLU A 41 15.04 11.19 44.42
C GLU A 41 15.69 11.83 43.19
N HIS A 42 16.51 11.05 42.49
CA HIS A 42 17.06 11.46 41.20
C HIS A 42 16.39 10.71 40.06
N THR A 43 15.09 10.47 40.16
CA THR A 43 14.39 9.67 39.16
C THR A 43 14.26 10.41 37.83
N LEU A 44 14.33 11.73 37.83
CA LEU A 44 14.39 12.45 36.57
C LEU A 44 15.76 12.34 35.91
N ARG A 45 16.80 12.09 36.70
CA ARG A 45 18.12 11.87 36.12
C ARG A 45 18.17 10.54 35.39
N TYR A 46 17.64 9.48 36.00
CA TYR A 46 17.63 8.17 35.39
C TYR A 46 16.58 8.03 34.29
N LEU A 47 15.73 9.02 34.08
CA LEU A 47 14.81 8.96 32.96
C LEU A 47 15.50 9.39 31.67
N VAL A 48 16.23 10.50 31.73
CA VAL A 48 16.90 10.98 30.53
C VAL A 48 18.20 10.22 30.28
N LEU A 49 18.81 9.70 31.34
CA LEU A 49 19.94 8.78 31.16
C LEU A 49 19.50 7.39 30.77
N HIS A 50 18.20 7.14 30.68
CA HIS A 50 17.66 5.97 30.01
C HIS A 50 17.19 6.32 28.61
N LEU A 51 16.52 7.47 28.44
CA LEU A 51 16.03 7.87 27.13
C LEU A 51 17.14 8.32 26.20
N ALA A 52 18.35 8.54 26.71
CA ALA A 52 19.49 8.60 25.82
C ALA A 52 19.83 7.22 25.28
N SER A 53 19.71 6.19 26.12
CA SER A 53 20.08 4.85 25.73
C SER A 53 19.08 4.21 24.78
N LEU A 54 17.88 4.76 24.67
CA LEU A 54 17.04 4.39 23.53
C LEU A 54 17.39 5.22 22.31
N GLN A 55 17.75 6.48 22.51
CA GLN A 55 17.97 7.36 21.38
C GLN A 55 19.32 7.15 20.72
N LEU A 56 20.27 6.52 21.40
CA LEU A 56 21.44 6.03 20.69
C LEU A 56 21.08 4.84 19.82
N GLY A 57 20.15 4.02 20.29
CA GLY A 57 19.79 2.82 19.54
C GLY A 57 19.08 3.13 18.25
N LEU A 58 18.19 4.13 18.26
CA LEU A 58 17.58 4.56 17.02
C LEU A 58 18.58 5.29 16.13
N LEU A 59 19.54 5.97 16.75
CA LEU A 59 20.63 6.57 15.98
C LEU A 59 21.53 5.51 15.38
N LEU A 60 21.84 4.46 16.14
CA LEU A 60 22.68 3.38 15.63
C LEU A 60 21.94 2.50 14.63
N ASN A 61 20.61 2.51 14.68
CA ASN A 61 19.86 1.80 13.64
C ASN A 61 19.87 2.59 12.34
N GLY A 62 19.79 3.92 12.42
CA GLY A 62 19.87 4.73 11.23
C GLY A 62 21.25 4.73 10.60
N VAL A 63 22.28 4.58 11.42
CA VAL A 63 23.63 4.44 10.88
C VAL A 63 23.77 3.11 10.13
N CYS A 64 23.25 2.04 10.73
CA CYS A 64 23.42 0.71 10.13
C CYS A 64 22.51 0.52 8.92
N SER A 65 21.32 1.11 8.96
CA SER A 65 20.43 1.04 7.79
C SER A 65 20.86 1.98 6.68
N LEU A 66 21.84 2.85 6.92
CA LEU A 66 22.30 3.76 5.88
C LEU A 66 23.12 3.05 4.83
N ALA A 67 23.68 1.88 5.15
CA ALA A 67 24.39 1.09 4.16
C ALA A 67 23.46 0.54 3.09
N GLU A 68 22.19 0.33 3.43
CA GLU A 68 21.25 -0.18 2.44
C GLU A 68 20.77 0.92 1.51
N GLU A 69 20.43 2.07 2.10
CA GLU A 69 19.91 3.27 1.38
C GLU A 69 20.96 3.82 0.40
N LEU A 70 22.25 3.70 0.76
CA LEU A 70 23.37 4.21 -0.08
C LEU A 70 23.39 3.50 -1.45
N ARG A 71 23.05 2.21 -1.48
CA ARG A 71 23.03 1.46 -2.76
C ARG A 71 22.00 2.08 -3.72
N HIS A 72 20.84 2.50 -3.20
CA HIS A 72 19.74 3.05 -4.03
C HIS A 72 19.63 4.58 -3.97
N ILE A 73 20.67 5.29 -3.52
CA ILE A 73 20.52 6.77 -3.39
C ILE A 73 20.21 7.42 -4.75
N HIS A 74 20.90 7.02 -5.81
CA HIS A 74 20.68 7.66 -7.14
C HIS A 74 19.28 7.39 -7.69
N SER A 75 18.82 6.13 -7.64
CA SER A 75 17.49 5.74 -8.17
C SER A 75 16.34 6.33 -7.36
N ARG A 76 16.47 6.31 -6.03
CA ARG A 76 15.42 6.76 -5.13
C ARG A 76 15.55 8.23 -4.77
N TYR A 77 16.77 8.74 -4.71
CA TYR A 77 17.02 10.08 -4.19
C TYR A 77 17.79 10.94 -5.18
N ARG A 78 17.63 10.64 -6.48
CA ARG A 78 18.19 11.34 -7.65
C ARG A 78 19.68 11.67 -7.54
N GLY A 79 20.43 10.87 -6.78
CA GLY A 79 21.83 11.12 -6.59
C GLY A 79 22.16 12.17 -5.54
N SER A 80 21.24 12.42 -4.61
CA SER A 80 21.46 13.41 -3.56
C SER A 80 21.75 12.72 -2.24
N TYR A 81 22.77 13.21 -1.54
CA TYR A 81 23.16 12.59 -0.27
C TYR A 81 22.25 13.00 0.87
N TRP A 82 21.76 14.24 0.86
CA TRP A 82 21.03 14.74 2.01
C TRP A 82 19.62 14.16 2.09
N ARG A 83 19.02 13.81 0.95
CA ARG A 83 17.74 13.13 0.99
C ARG A 83 17.89 11.71 1.53
N THR A 84 19.06 11.10 1.33
CA THR A 84 19.28 9.75 1.83
C THR A 84 19.42 9.75 3.36
N VAL A 85 20.07 10.77 3.91
CA VAL A 85 20.24 10.85 5.36
C VAL A 85 18.90 11.17 6.02
N ARG A 86 18.07 12.00 5.38
CA ARG A 86 16.73 12.28 5.89
C ARG A 86 15.85 11.04 5.84
N ALA A 87 16.03 10.21 4.81
CA ALA A 87 15.21 9.01 4.69
C ALA A 87 15.66 7.93 5.65
N CYS A 88 16.92 7.97 6.09
CA CYS A 88 17.47 6.89 6.89
C CYS A 88 17.14 7.08 8.37
N LEU A 89 16.98 8.32 8.81
CA LEU A 89 16.79 8.61 10.21
C LEU A 89 15.44 9.27 10.50
N GLY A 90 14.91 10.05 9.56
CA GLY A 90 13.58 10.59 9.73
C GLY A 90 13.60 12.03 10.17
N CYS A 91 12.97 12.30 11.31
CA CYS A 91 12.94 13.64 11.89
C CYS A 91 13.76 13.64 13.17
N PRO A 92 15.04 13.96 13.11
CA PRO A 92 15.87 13.98 14.32
C PRO A 92 15.73 15.23 15.17
N LEU A 93 14.79 16.12 14.84
CA LEU A 93 14.63 17.33 15.63
C LEU A 93 13.95 17.03 16.96
N ARG A 94 12.99 16.09 16.95
CA ARG A 94 12.39 15.65 18.21
C ARG A 94 13.31 14.68 18.93
N ARG A 95 14.22 14.04 18.19
CA ARG A 95 15.15 13.10 18.82
C ARG A 95 16.39 13.81 19.33
N GLY A 96 17.03 14.62 18.48
CA GLY A 96 18.24 15.33 18.86
C GLY A 96 18.06 16.36 19.94
N ALA A 97 16.83 16.86 20.12
CA ALA A 97 16.55 17.70 21.27
C ALA A 97 16.63 16.92 22.57
N LEU A 98 16.34 15.62 22.52
CA LEU A 98 16.52 14.75 23.67
C LEU A 98 17.95 14.23 23.78
N LEU A 99 18.70 14.26 22.67
CA LEU A 99 20.13 13.96 22.75
C LEU A 99 20.87 15.02 23.56
N LEU A 100 20.80 16.28 23.11
CA LEU A 100 21.56 17.35 23.74
C LEU A 100 21.03 17.71 25.12
N LEU A 101 19.78 17.37 25.42
CA LEU A 101 19.31 17.50 26.80
C LEU A 101 19.95 16.45 27.70
N SER A 102 20.20 15.26 27.16
CA SER A 102 20.78 14.19 27.96
C SER A 102 22.28 14.36 28.15
N ILE A 103 22.94 15.18 27.33
CA ILE A 103 24.37 15.44 27.53
C ILE A 103 24.59 16.20 28.83
N TYR A 104 23.73 17.15 29.14
CA TYR A 104 23.87 17.93 30.37
C TYR A 104 23.60 17.09 31.61
N PHE A 105 22.77 16.06 31.51
CA PHE A 105 22.29 15.40 32.70
C PHE A 105 23.30 14.41 33.26
N TYR A 106 23.95 13.61 32.41
CA TYR A 106 25.04 12.77 32.91
C TYR A 106 26.31 13.58 33.18
N TYR A 107 26.38 14.82 32.67
CA TYR A 107 27.42 15.74 33.09
C TYR A 107 27.21 16.19 34.53
N SER A 108 25.96 16.31 34.96
CA SER A 108 25.65 16.74 36.31
C SER A 108 25.84 15.60 37.30
N PRO A 116 31.99 5.11 33.21
CA PRO A 116 32.40 4.16 32.18
C PRO A 116 31.68 4.37 30.87
N PHE A 117 31.85 5.54 30.26
CA PHE A 117 31.08 5.86 29.06
C PHE A 117 31.58 5.11 27.84
N THR A 118 32.88 4.87 27.75
CA THR A 118 33.42 4.11 26.63
C THR A 118 32.92 2.68 26.64
N TRP A 119 32.68 2.10 27.82
CA TRP A 119 31.96 0.85 27.90
C TRP A 119 30.47 1.04 27.67
N MET A 120 29.90 2.16 28.13
CA MET A 120 28.46 2.38 28.01
C MET A 120 28.01 2.63 26.58
N LEU A 121 28.92 2.90 25.66
CA LEU A 121 28.62 2.83 24.25
C LEU A 121 28.85 1.43 23.69
N ALA A 122 29.79 0.68 24.27
CA ALA A 122 30.09 -0.65 23.80
C ALA A 122 28.96 -1.64 24.08
N LEU A 123 28.12 -1.35 25.06
CA LEU A 123 26.95 -2.19 25.30
C LEU A 123 25.83 -1.87 24.33
N LEU A 124 25.69 -0.59 23.96
CA LEU A 124 24.58 -0.18 23.10
C LEU A 124 24.78 -0.63 21.66
N GLY A 125 26.00 -0.48 21.13
CA GLY A 125 26.27 -0.97 19.80
C GLY A 125 26.23 -2.49 19.72
N LEU A 126 26.55 -3.16 20.81
CA LEU A 126 26.39 -4.60 20.88
C LEU A 126 24.91 -4.99 20.92
N SER A 127 24.10 -4.20 21.64
CA SER A 127 22.68 -4.52 21.78
C SER A 127 21.91 -4.24 20.51
N GLN A 128 22.12 -3.07 19.91
CA GLN A 128 21.39 -2.69 18.71
C GLN A 128 21.84 -3.48 17.49
N ALA A 129 23.02 -4.10 17.52
CA ALA A 129 23.38 -5.05 16.49
C ALA A 129 22.56 -6.32 16.61
N LEU A 130 22.46 -6.86 17.82
CA LEU A 130 21.71 -8.09 18.03
C LEU A 130 20.20 -7.86 17.96
N ASN A 131 19.75 -6.63 18.21
CA ASN A 131 18.32 -6.33 18.16
C ASN A 131 17.78 -6.33 16.73
N ILE A 132 18.65 -6.16 15.73
CA ILE A 132 18.23 -6.21 14.33
C ILE A 132 18.80 -7.40 13.59
N LEU A 133 19.73 -8.14 14.18
CA LEU A 133 20.22 -9.37 13.57
C LEU A 133 19.35 -10.57 13.92
N LEU A 134 18.75 -10.57 15.10
CA LEU A 134 17.78 -11.59 15.47
C LEU A 134 16.35 -11.18 15.15
N GLY A 135 16.18 -10.18 14.28
CA GLY A 135 14.88 -9.81 13.77
C GLY A 135 13.92 -9.20 14.76
N LEU A 136 14.39 -8.77 15.93
CA LEU A 136 13.49 -8.21 16.93
C LEU A 136 13.01 -6.82 16.55
N LYS A 137 13.67 -6.15 15.62
CA LYS A 137 13.18 -4.88 15.08
C LYS A 137 12.05 -5.21 14.10
N GLY A 138 10.88 -5.45 14.66
CA GLY A 138 9.73 -5.86 13.87
C GLY A 138 8.44 -5.48 14.58
N LEU A 139 7.55 -4.81 13.87
CA LEU A 139 6.38 -4.22 14.50
C LEU A 139 5.30 -5.27 14.72
N ALA A 140 4.21 -4.84 15.13
CA ALA A 140 3.00 -5.61 15.28
C ALA A 140 2.19 -5.55 14.00
N PRO A 141 1.38 -6.57 13.69
CA PRO A 141 0.53 -6.50 12.50
C PRO A 141 -0.58 -5.46 12.59
N ALA A 142 -0.85 -4.91 13.77
CA ALA A 142 -1.72 -3.73 13.86
C ALA A 142 -0.98 -2.49 13.40
N GLU A 143 0.24 -2.28 13.89
CA GLU A 143 1.02 -1.11 13.52
C GLU A 143 1.50 -1.20 12.08
N ILE A 144 1.69 -2.41 11.56
CA ILE A 144 1.98 -2.58 10.14
C ILE A 144 0.76 -2.19 9.31
N SER A 145 -0.42 -2.57 9.76
CA SER A 145 -1.66 -2.18 9.10
C SER A 145 -2.20 -0.86 9.61
N ALA A 146 -1.46 -0.13 10.43
CA ALA A 146 -1.86 1.21 10.82
C ALA A 146 -1.35 2.25 9.83
N LEU A 147 -0.04 2.24 9.58
CA LEU A 147 0.52 3.22 8.64
C LEU A 147 0.20 2.86 7.20
N CYS A 148 -0.02 1.57 6.91
CA CYS A 148 -0.36 1.19 5.55
C CYS A 148 -1.79 1.60 5.21
N GLU A 149 -2.66 1.71 6.20
CA GLU A 149 -3.97 2.30 5.98
C GLU A 149 -3.92 3.82 6.04
N LYS A 150 -2.85 4.39 6.59
CA LYS A 150 -2.77 5.84 6.74
C LYS A 150 -2.51 6.52 5.40
N GLY A 151 -1.56 6.01 4.63
CA GLY A 151 -1.30 6.54 3.31
C GLY A 151 -2.42 6.19 2.35
N ASN A 152 -3.22 7.19 1.97
CA ASN A 152 -4.36 6.96 1.08
C ASN A 152 -3.93 6.68 -0.35
N PHE A 153 -2.67 6.97 -0.69
CA PHE A 153 -2.13 6.73 -2.03
C PHE A 153 -1.00 5.71 -1.90
N ASN A 154 -1.37 4.43 -1.94
CA ASN A 154 -0.41 3.33 -2.00
C ASN A 154 -0.69 2.59 -3.29
N VAL A 155 -0.78 3.36 -4.37
CA VAL A 155 -1.59 3.02 -5.53
C VAL A 155 -0.79 2.41 -6.67
N ALA A 156 0.34 1.79 -6.37
CA ALA A 156 1.09 1.16 -7.44
C ALA A 156 0.77 -0.32 -7.60
N HIS A 157 0.57 -1.03 -6.49
CA HIS A 157 0.22 -2.44 -6.59
C HIS A 157 -1.21 -2.63 -7.05
N GLY A 158 -2.10 -1.71 -6.68
CA GLY A 158 -3.48 -1.80 -7.14
C GLY A 158 -3.67 -1.44 -8.59
N LEU A 159 -2.69 -0.76 -9.19
CA LEU A 159 -2.75 -0.43 -10.61
C LEU A 159 -1.98 -1.40 -11.47
N ALA A 160 -0.90 -1.98 -10.95
CA ALA A 160 -0.20 -3.01 -11.69
C ALA A 160 -1.02 -4.28 -11.79
N TRP A 161 -1.64 -4.68 -10.69
CA TRP A 161 -2.44 -5.90 -10.69
C TRP A 161 -3.76 -5.72 -11.41
N SER A 162 -4.32 -4.52 -11.42
CA SER A 162 -5.51 -4.30 -12.23
C SER A 162 -5.18 -4.23 -13.71
N TYR A 163 -3.94 -3.96 -14.06
CA TYR A 163 -3.58 -3.93 -15.47
C TYR A 163 -3.29 -5.32 -15.98
N TYR A 164 -2.65 -6.16 -15.16
CA TYR A 164 -2.37 -7.52 -15.59
C TYR A 164 -3.63 -8.37 -15.61
N ILE A 165 -4.46 -8.25 -14.57
CA ILE A 165 -5.70 -9.01 -14.53
C ILE A 165 -6.69 -8.45 -15.53
N GLY A 166 -6.81 -7.13 -15.60
CA GLY A 166 -7.78 -6.53 -16.48
C GLY A 166 -7.42 -6.56 -17.95
N TYR A 167 -6.26 -6.02 -18.30
CA TYR A 167 -5.96 -5.77 -19.70
C TYR A 167 -4.87 -6.66 -20.28
N LEU A 168 -3.89 -7.08 -19.50
CA LEU A 168 -2.80 -7.84 -20.08
C LEU A 168 -3.20 -9.28 -20.35
N ARG A 169 -3.68 -9.98 -19.33
CA ARG A 169 -4.02 -11.39 -19.48
C ARG A 169 -5.22 -11.61 -20.38
N LEU A 170 -5.99 -10.57 -20.69
CA LEU A 170 -7.08 -10.70 -21.66
C LEU A 170 -6.64 -10.41 -23.09
N ILE A 171 -5.44 -9.88 -23.32
CA ILE A 171 -5.03 -9.55 -24.68
C ILE A 171 -3.71 -10.21 -25.05
N LEU A 172 -2.90 -10.58 -24.07
CA LEU A 172 -1.60 -11.16 -24.39
C LEU A 172 -1.62 -12.59 -24.88
N PRO A 173 -2.48 -13.51 -24.40
CA PRO A 173 -2.55 -14.81 -25.09
C PRO A 173 -3.03 -14.72 -26.53
N GLU A 174 -4.00 -13.87 -26.81
CA GLU A 174 -4.53 -13.75 -28.16
C GLU A 174 -3.77 -12.74 -29.00
N LEU A 175 -2.60 -12.27 -28.55
CA LEU A 175 -1.89 -11.23 -29.28
C LEU A 175 -1.14 -11.80 -30.47
N GLN A 176 -0.41 -12.90 -30.27
CA GLN A 176 0.42 -13.48 -31.31
C GLN A 176 -0.40 -14.05 -32.45
N ALA A 177 -1.67 -14.37 -32.18
CA ALA A 177 -2.59 -14.74 -33.24
C ALA A 177 -2.85 -13.54 -34.15
N ARG A 178 -3.15 -12.38 -33.57
CA ARG A 178 -3.43 -11.20 -34.38
C ARG A 178 -2.19 -10.61 -35.02
N ILE A 179 -1.00 -10.93 -34.50
CA ILE A 179 0.22 -10.45 -35.11
C ILE A 179 0.48 -11.18 -36.42
N ARG A 180 0.41 -12.52 -36.40
CA ARG A 180 0.67 -13.30 -37.61
C ARG A 180 -0.48 -13.19 -38.61
N THR A 181 -1.71 -12.97 -38.12
CA THR A 181 -2.85 -12.79 -39.03
C THR A 181 -2.70 -11.48 -39.80
N TYR A 182 -2.31 -10.41 -39.12
CA TYR A 182 -1.96 -9.19 -39.82
C TYR A 182 -0.67 -9.33 -40.62
N ASN A 183 0.18 -10.30 -40.28
CA ASN A 183 1.37 -10.55 -41.07
C ASN A 183 1.07 -11.43 -42.28
N GLN A 184 0.24 -12.47 -42.11
CA GLN A 184 -0.12 -13.32 -43.23
C GLN A 184 -1.11 -12.66 -44.17
N HIS A 185 -1.84 -11.64 -43.71
CA HIS A 185 -2.60 -10.82 -44.64
C HIS A 185 -1.67 -10.01 -45.54
N TYR A 186 -0.52 -9.62 -45.02
CA TYR A 186 0.48 -8.93 -45.82
C TYR A 186 1.57 -9.89 -46.28
N ARG A 191 6.09 -6.67 -48.03
CA ARG A 191 4.71 -6.30 -47.72
C ARG A 191 4.60 -5.73 -46.30
N GLY A 192 4.40 -6.62 -45.34
CA GLY A 192 4.32 -6.22 -43.95
C GLY A 192 5.28 -7.01 -43.09
N ALA A 193 5.76 -6.32 -42.04
CA ALA A 193 6.65 -6.88 -41.00
C ALA A 193 6.05 -6.49 -39.64
N VAL A 194 5.83 -7.45 -38.74
CA VAL A 194 5.21 -7.15 -37.43
C VAL A 194 6.11 -7.67 -36.30
N SER A 195 6.27 -6.88 -35.23
CA SER A 195 7.11 -7.30 -34.08
C SER A 195 6.46 -8.48 -33.35
N GLN A 196 7.28 -9.36 -32.78
CA GLN A 196 6.81 -10.58 -32.06
C GLN A 196 5.97 -10.25 -30.82
N ARG A 197 6.33 -9.20 -30.07
CA ARG A 197 5.59 -8.90 -28.81
C ARG A 197 5.11 -7.45 -28.77
N LEU A 198 4.05 -7.20 -27.99
CA LEU A 198 3.46 -5.84 -27.81
C LEU A 198 4.41 -5.00 -26.95
N TYR A 199 4.54 -3.71 -27.26
CA TYR A 199 5.44 -2.80 -26.49
C TYR A 199 4.57 -1.90 -25.59
N ILE A 200 4.85 -1.92 -24.29
CA ILE A 200 4.13 -1.13 -23.32
C ILE A 200 5.05 -0.02 -22.86
N LEU A 201 4.74 1.20 -23.26
CA LEU A 201 5.53 2.34 -22.84
C LEU A 201 5.20 2.69 -21.41
N LEU A 202 6.21 3.15 -20.68
CA LEU A 202 6.04 3.54 -19.28
C LEU A 202 6.68 4.90 -19.06
N PRO A 203 5.97 5.98 -19.36
CA PRO A 203 6.52 7.33 -19.08
C PRO A 203 6.58 7.59 -17.59
N LEU A 204 7.79 7.79 -17.08
CA LEU A 204 7.96 8.02 -15.64
C LEU A 204 7.43 9.37 -15.21
N ASP A 205 7.31 10.33 -16.12
CA ASP A 205 6.69 11.61 -15.82
C ASP A 205 5.17 11.58 -15.91
N CYS A 206 4.60 10.43 -16.29
CA CYS A 206 3.17 10.16 -16.40
C CYS A 206 2.46 11.06 -17.40
N GLY A 207 3.18 11.67 -18.33
CA GLY A 207 2.54 12.49 -19.33
C GLY A 207 2.13 11.68 -20.53
N VAL A 208 0.88 11.27 -20.59
CA VAL A 208 0.39 10.36 -21.61
C VAL A 208 -0.55 11.13 -22.53
N PRO A 209 -0.18 11.38 -23.78
CA PRO A 209 -1.15 11.89 -24.75
C PRO A 209 -2.01 10.77 -25.30
N ASP A 210 -3.20 11.16 -25.76
CA ASP A 210 -4.12 10.19 -26.33
C ASP A 210 -3.68 9.72 -27.71
N ASN A 211 -2.81 10.46 -28.38
CA ASN A 211 -2.21 10.04 -29.63
C ASN A 211 -0.70 10.05 -29.50
N LEU A 212 -0.05 9.09 -30.12
CA LEU A 212 1.40 8.99 -30.10
C LEU A 212 2.06 9.74 -31.25
N SER A 213 1.27 10.24 -32.20
CA SER A 213 1.82 10.95 -33.34
C SER A 213 2.40 12.31 -32.96
N MET A 214 2.04 12.84 -31.80
CA MET A 214 2.63 14.07 -31.30
C MET A 214 3.70 13.82 -30.24
N ALA A 215 3.85 12.57 -29.78
CA ALA A 215 4.95 12.25 -28.87
C ALA A 215 6.28 12.37 -29.57
N ASP A 216 6.35 11.91 -30.82
CA ASP A 216 7.43 12.17 -31.75
C ASP A 216 6.80 12.24 -33.13
N PRO A 217 7.42 12.98 -34.07
CA PRO A 217 6.95 12.89 -35.45
C PRO A 217 7.32 11.57 -36.12
N ASN A 218 8.22 10.80 -35.51
CA ASN A 218 8.64 9.54 -36.09
C ASN A 218 7.55 8.48 -36.00
N ILE A 219 6.74 8.53 -34.93
CA ILE A 219 5.83 7.43 -34.63
C ILE A 219 4.54 7.49 -35.43
N ARG A 220 4.32 8.57 -36.19
CA ARG A 220 2.99 8.90 -36.71
C ARG A 220 2.50 7.87 -37.74
N PHE A 221 1.52 7.07 -37.29
CA PHE A 221 0.95 5.95 -38.03
C PHE A 221 -0.26 5.43 -37.27
N LEU A 222 -1.17 4.71 -37.93
CA LEU A 222 -2.24 4.02 -37.22
C LEU A 222 -2.71 2.84 -38.06
N ASP A 223 -3.06 1.75 -37.36
CA ASP A 223 -3.69 0.59 -37.96
C ASP A 223 -4.43 -0.18 -36.88
N LYS A 224 -5.44 -0.93 -37.30
CA LYS A 224 -6.20 -1.79 -36.40
C LYS A 224 -5.86 -3.24 -36.69
N LEU A 225 -6.35 -4.12 -35.82
CA LEU A 225 -6.07 -5.53 -35.94
C LEU A 225 -7.35 -6.34 -35.78
N PRO A 226 -7.50 -7.44 -36.52
CA PRO A 226 -8.68 -8.29 -36.35
C PRO A 226 -8.57 -9.13 -35.09
N GLN A 227 -9.66 -9.81 -34.76
CA GLN A 227 -9.69 -10.74 -33.64
C GLN A 227 -10.74 -11.83 -33.85
N ASP A 237 -15.18 -10.86 -29.13
CA ASP A 237 -15.83 -10.68 -27.83
C ASP A 237 -15.45 -9.33 -27.22
N ARG A 238 -14.39 -9.33 -26.42
CA ARG A 238 -13.88 -8.11 -25.80
C ARG A 238 -13.21 -7.27 -26.87
N VAL A 239 -13.81 -6.13 -27.20
CA VAL A 239 -13.27 -5.26 -28.24
C VAL A 239 -12.04 -4.54 -27.66
N TYR A 240 -10.87 -4.93 -28.12
CA TYR A 240 -9.62 -4.25 -27.79
C TYR A 240 -8.98 -3.81 -29.10
N SER A 241 -9.04 -2.51 -29.37
CA SER A 241 -8.58 -1.96 -30.64
C SER A 241 -7.16 -1.47 -30.48
N ASN A 242 -6.22 -2.40 -30.57
CA ASN A 242 -4.81 -2.03 -30.50
C ASN A 242 -4.38 -1.31 -31.77
N SER A 243 -3.31 -0.55 -31.64
CA SER A 243 -2.85 0.33 -32.70
C SER A 243 -1.38 0.08 -32.97
N ILE A 244 -1.06 -0.21 -34.23
CA ILE A 244 0.32 -0.42 -34.67
C ILE A 244 0.87 0.90 -35.13
N TYR A 245 2.11 1.20 -34.75
CA TYR A 245 2.76 2.45 -35.09
C TYR A 245 4.08 2.16 -35.80
N GLU A 246 4.37 2.96 -36.82
CA GLU A 246 5.60 2.83 -37.58
C GLU A 246 6.63 3.81 -37.04
N LEU A 247 7.85 3.32 -36.82
CA LEU A 247 8.94 4.16 -36.33
C LEU A 247 9.72 4.70 -37.52
N LEU A 248 9.49 5.96 -37.86
CA LEU A 248 10.11 6.57 -39.04
C LEU A 248 11.40 7.26 -38.62
N GLU A 249 12.51 6.52 -38.68
CA GLU A 249 13.83 7.07 -38.41
C GLU A 249 14.36 7.67 -39.70
N ASN A 250 14.74 8.97 -39.62
CA ASN A 250 15.13 9.85 -40.73
C ASN A 250 14.29 9.64 -41.99
N GLY A 251 12.97 9.60 -41.81
CA GLY A 251 12.06 9.42 -42.92
C GLY A 251 12.03 8.03 -43.50
N GLN A 252 12.58 7.04 -42.80
CA GLN A 252 12.62 5.67 -43.29
C GLN A 252 12.04 4.74 -42.25
N ARG A 253 11.36 3.69 -42.72
CA ARG A 253 10.69 2.73 -41.86
C ARG A 253 11.73 1.85 -41.19
N ALA A 254 12.09 2.20 -39.96
CA ALA A 254 13.09 1.45 -39.22
C ALA A 254 12.48 0.31 -38.41
N GLY A 255 11.17 0.36 -38.16
CA GLY A 255 10.52 -0.71 -37.43
C GLY A 255 9.03 -0.55 -37.31
N THR A 256 8.28 -1.63 -37.58
CA THR A 256 6.83 -1.63 -37.47
C THR A 256 6.46 -2.55 -36.31
N CYS A 257 6.01 -1.96 -35.21
CA CYS A 257 5.64 -2.74 -34.05
C CYS A 257 4.44 -2.09 -33.38
N VAL A 258 3.78 -2.83 -32.51
CA VAL A 258 2.63 -2.31 -31.79
C VAL A 258 3.10 -1.71 -30.47
N LEU A 259 2.66 -0.48 -30.22
CA LEU A 259 3.02 0.25 -29.01
C LEU A 259 1.75 0.79 -28.38
N GLU A 260 1.71 0.75 -27.05
CA GLU A 260 0.57 1.31 -26.35
C GLU A 260 1.04 1.79 -24.98
N TYR A 261 0.52 2.93 -24.56
CA TYR A 261 0.89 3.52 -23.30
C TYR A 261 0.31 2.72 -22.14
N ALA A 262 0.74 3.05 -20.94
CA ALA A 262 0.19 2.42 -19.76
C ALA A 262 -1.06 3.17 -19.34
N THR A 263 -2.20 2.50 -19.41
CA THR A 263 -3.45 3.11 -18.96
C THR A 263 -3.50 3.40 -17.46
N PRO A 264 -2.89 2.63 -16.55
CA PRO A 264 -2.77 3.12 -15.17
C PRO A 264 -1.88 4.33 -14.99
N LEU A 265 -1.07 4.71 -15.97
CA LEU A 265 -0.26 5.90 -15.79
C LEU A 265 -1.04 7.18 -16.06
N GLN A 266 -2.15 7.10 -16.77
CA GLN A 266 -3.05 8.24 -16.83
C GLN A 266 -3.81 8.39 -15.51
N THR A 267 -3.97 7.30 -14.77
CA THR A 267 -4.62 7.37 -13.47
C THR A 267 -3.74 8.10 -12.47
N LEU A 268 -2.44 7.80 -12.46
CA LEU A 268 -1.49 8.52 -11.62
C LEU A 268 -1.37 9.97 -12.05
N PHE A 269 -1.55 10.25 -13.33
CA PHE A 269 -1.50 11.63 -13.80
C PHE A 269 -2.75 12.39 -13.38
N ALA A 270 -3.92 11.78 -13.55
CA ALA A 270 -5.17 12.45 -13.21
C ALA A 270 -5.37 12.59 -11.71
N MET A 271 -4.66 11.80 -10.90
CA MET A 271 -4.76 11.99 -9.46
C MET A 271 -3.99 13.23 -9.00
N SER A 272 -2.89 13.55 -9.69
CA SER A 272 -2.17 14.79 -9.37
C SER A 272 -2.96 16.01 -9.80
N GLN A 273 -3.80 15.87 -10.83
CA GLN A 273 -4.70 16.94 -11.25
C GLN A 273 -6.02 16.93 -10.47
N TYR A 274 -6.11 16.10 -9.45
CA TYR A 274 -7.19 16.15 -8.46
C TYR A 274 -6.60 16.82 -7.23
N SER A 275 -6.68 18.16 -7.20
CA SER A 275 -5.97 18.95 -6.21
C SER A 275 -6.54 18.82 -4.80
N GLN A 276 -7.76 18.30 -4.65
CA GLN A 276 -8.26 17.99 -3.32
C GLN A 276 -7.49 16.83 -2.71
N ALA A 277 -7.16 15.83 -3.52
CA ALA A 277 -6.28 14.76 -3.08
C ALA A 277 -4.85 15.30 -3.02
N GLY A 278 -4.19 15.14 -1.87
CA GLY A 278 -2.84 15.62 -1.70
C GLY A 278 -1.82 14.77 -2.42
N PHE A 279 -1.85 14.80 -3.75
CA PHE A 279 -0.95 14.01 -4.59
C PHE A 279 -0.05 14.96 -5.36
N SER A 280 1.22 14.98 -4.98
CA SER A 280 2.17 15.91 -5.57
C SER A 280 2.71 15.35 -6.88
N ARG A 281 3.66 16.07 -7.47
CA ARG A 281 4.46 15.54 -8.57
C ARG A 281 5.67 14.78 -8.08
N GLU A 282 5.83 14.60 -6.78
CA GLU A 282 6.88 13.75 -6.22
C GLU A 282 6.37 12.40 -5.78
N ASP A 283 5.14 12.34 -5.25
CA ASP A 283 4.48 11.05 -5.04
C ASP A 283 4.20 10.38 -6.37
N ARG A 284 3.89 11.17 -7.38
CA ARG A 284 3.68 10.66 -8.73
C ARG A 284 4.96 10.15 -9.37
N LEU A 285 6.12 10.54 -8.84
CA LEU A 285 7.39 9.97 -9.27
C LEU A 285 7.89 8.88 -8.34
N GLU A 286 7.09 8.48 -7.36
CA GLU A 286 7.40 7.30 -6.58
C GLU A 286 6.57 6.10 -7.03
N GLN A 287 5.26 6.27 -7.17
CA GLN A 287 4.42 5.16 -7.61
C GLN A 287 4.68 4.80 -9.06
N ALA A 288 4.98 5.79 -9.90
CA ALA A 288 5.38 5.48 -11.25
C ALA A 288 6.82 5.03 -11.35
N LYS A 289 7.56 5.01 -10.26
CA LYS A 289 8.81 4.26 -10.18
C LYS A 289 8.62 2.92 -9.52
N LEU A 290 7.42 2.64 -9.01
CA LEU A 290 7.11 1.38 -8.36
C LEU A 290 6.18 0.52 -9.20
N PHE A 291 5.14 1.12 -9.79
CA PHE A 291 4.27 0.38 -10.70
C PHE A 291 5.05 -0.12 -11.91
N CYS A 292 6.05 0.63 -12.36
CA CYS A 292 6.90 0.15 -13.44
C CYS A 292 7.81 -0.98 -12.98
N ARG A 293 8.05 -1.11 -11.67
CA ARG A 293 8.86 -2.20 -11.18
C ARG A 293 8.02 -3.44 -10.86
N THR A 294 6.85 -3.24 -10.25
CA THR A 294 6.02 -4.38 -9.89
C THR A 294 5.39 -5.02 -11.12
N LEU A 295 5.21 -4.25 -12.20
CA LEU A 295 4.66 -4.84 -13.41
C LEU A 295 5.68 -5.76 -14.08
N GLU A 296 6.97 -5.47 -13.90
CA GLU A 296 7.98 -6.40 -14.38
C GLU A 296 7.96 -7.69 -13.58
N ASP A 297 7.73 -7.58 -12.27
CA ASP A 297 7.72 -8.76 -11.41
C ASP A 297 6.47 -9.60 -11.66
N ILE A 298 5.37 -8.97 -12.05
CA ILE A 298 4.15 -9.73 -12.36
C ILE A 298 4.32 -10.45 -13.68
N LEU A 299 4.91 -9.78 -14.67
CA LEU A 299 5.18 -10.44 -15.94
C LEU A 299 6.29 -11.47 -15.84
N ALA A 300 7.17 -11.36 -14.83
CA ALA A 300 8.19 -12.38 -14.64
C ALA A 300 7.60 -13.66 -14.06
N ASP A 301 6.48 -13.55 -13.34
CA ASP A 301 5.86 -14.74 -12.77
C ASP A 301 5.11 -15.54 -13.83
N ALA A 302 4.32 -14.86 -14.65
CA ALA A 302 3.62 -15.53 -15.73
C ALA A 302 4.63 -15.94 -16.80
N PRO A 303 4.62 -17.20 -17.24
CA PRO A 303 5.69 -17.69 -18.13
C PRO A 303 5.55 -17.20 -19.56
N GLU A 304 4.34 -17.23 -20.09
CA GLU A 304 4.13 -16.87 -21.50
C GLU A 304 4.17 -15.37 -21.72
N SER A 305 3.80 -14.59 -20.69
CA SER A 305 3.67 -13.15 -20.88
C SER A 305 5.03 -12.45 -20.90
N GLN A 306 6.05 -13.03 -20.25
CA GLN A 306 7.37 -12.42 -20.22
C GLN A 306 8.01 -12.40 -21.61
N ASN A 307 7.73 -13.40 -22.43
CA ASN A 307 8.16 -13.43 -23.82
C ASN A 307 7.12 -12.86 -24.76
N ASN A 308 6.07 -12.23 -24.22
CA ASN A 308 5.01 -11.70 -25.04
C ASN A 308 4.99 -10.18 -25.14
N CYS A 309 5.58 -9.47 -24.17
CA CYS A 309 5.52 -8.02 -24.19
C CYS A 309 6.75 -7.45 -23.50
N ARG A 310 7.14 -6.26 -23.94
CA ARG A 310 8.37 -5.62 -23.47
C ARG A 310 8.06 -4.23 -22.98
N LEU A 311 8.48 -3.93 -21.75
CA LEU A 311 8.18 -2.64 -21.13
C LEU A 311 9.30 -1.66 -21.43
N ILE A 312 8.92 -0.44 -21.77
CA ILE A 312 9.86 0.64 -22.06
C ILE A 312 9.61 1.73 -21.04
N ALA A 313 10.50 1.85 -20.06
CA ALA A 313 10.31 2.78 -18.95
C ALA A 313 11.07 4.09 -19.21
N TYR A 314 10.64 4.80 -20.25
CA TYR A 314 11.35 6.00 -20.66
C TYR A 314 10.97 7.17 -19.75
N GLN A 315 11.94 8.03 -19.48
CA GLN A 315 11.74 9.19 -18.63
C GLN A 315 12.27 10.43 -19.34
N GLU A 316 11.43 11.44 -19.47
CA GLU A 316 11.85 12.70 -20.07
C GLU A 316 12.72 13.48 -19.09
N PRO A 317 13.95 13.85 -19.45
CA PRO A 317 14.81 14.67 -18.59
C PRO A 317 14.37 16.13 -18.58
N SER A 321 17.43 17.66 -19.99
CA SER A 321 18.07 17.35 -21.26
C SER A 321 17.04 16.96 -22.32
N SER A 322 17.49 16.88 -23.56
CA SER A 322 16.64 16.52 -24.69
C SER A 322 16.92 15.08 -25.11
N PHE A 323 15.90 14.45 -25.68
CA PHE A 323 16.00 13.07 -26.13
C PHE A 323 14.90 12.82 -27.16
N SER A 324 14.89 11.61 -27.71
CA SER A 324 13.84 11.16 -28.61
C SER A 324 13.52 9.72 -28.26
N LEU A 325 12.24 9.45 -28.00
CA LEU A 325 11.88 8.13 -27.52
C LEU A 325 11.79 7.11 -28.65
N SER A 326 11.83 7.54 -29.91
CA SER A 326 11.83 6.60 -31.02
C SER A 326 13.14 5.84 -31.14
N GLN A 327 14.20 6.30 -30.49
CA GLN A 327 15.47 5.58 -30.47
C GLN A 327 15.43 4.42 -29.48
N GLU A 328 14.94 4.67 -28.27
CA GLU A 328 14.94 3.65 -27.24
C GLU A 328 13.85 2.60 -27.44
N VAL A 329 12.85 2.88 -28.27
CA VAL A 329 12.03 1.79 -28.79
C VAL A 329 12.86 0.91 -29.70
N LEU A 330 13.59 1.54 -30.62
CA LEU A 330 14.45 0.81 -31.55
C LEU A 330 15.68 0.24 -30.87
N ARG A 331 16.02 0.71 -29.66
CA ARG A 331 16.97 -0.03 -28.85
C ARG A 331 16.40 -1.38 -28.45
N HIS A 332 15.14 -1.39 -28.01
CA HIS A 332 14.49 -2.64 -27.63
C HIS A 332 13.98 -3.42 -28.83
N LEU A 333 13.77 -2.77 -29.97
CA LEU A 333 13.23 -3.47 -31.12
C LEU A 333 14.33 -4.16 -31.93
N ARG A 334 15.50 -3.54 -32.05
CA ARG A 334 16.57 -4.15 -32.82
C ARG A 334 17.18 -5.34 -32.11
N GLN A 335 17.16 -5.35 -30.77
CA GLN A 335 17.73 -6.44 -29.99
C GLN A 335 16.89 -7.70 -30.03
N GLU A 336 15.68 -7.64 -30.59
CA GLU A 336 14.88 -8.85 -30.79
C GLU A 336 15.54 -9.78 -31.81
N GLU A 337 16.10 -9.20 -32.87
CA GLU A 337 16.78 -9.98 -33.89
C GLU A 337 17.85 -9.15 -34.58
N HIS B 3 19.93 -7.24 -9.92
CA HIS B 3 19.72 -6.02 -10.70
C HIS B 3 18.51 -6.18 -11.61
N SER B 4 18.80 -6.53 -12.88
CA SER B 4 17.80 -6.74 -13.95
C SER B 4 16.90 -5.53 -14.16
N SER B 5 17.41 -4.32 -13.92
CA SER B 5 16.62 -3.11 -14.06
C SER B 5 16.51 -2.71 -15.53
N LEU B 6 15.29 -2.41 -15.96
CA LEU B 6 15.07 -1.96 -17.33
C LEU B 6 15.36 -0.48 -17.52
N HIS B 7 15.62 0.25 -16.45
CA HIS B 7 15.97 1.65 -16.54
C HIS B 7 16.75 2.02 -15.29
N PRO B 8 17.78 2.87 -15.38
CA PRO B 8 18.57 3.20 -14.18
C PRO B 8 17.82 4.02 -13.16
N SER B 9 16.74 4.71 -13.52
CA SER B 9 15.99 5.47 -12.52
C SER B 9 15.16 4.57 -11.64
N ILE B 10 14.79 3.39 -12.13
CA ILE B 10 13.90 2.51 -11.38
C ILE B 10 14.70 1.80 -10.29
N PRO B 11 14.27 1.89 -9.02
CA PRO B 11 15.07 1.30 -7.95
C PRO B 11 14.91 -0.20 -7.87
N CYS B 12 16.02 -0.89 -7.62
CA CYS B 12 15.99 -2.31 -7.36
C CYS B 12 15.38 -2.54 -5.97
N PRO B 13 14.80 -3.72 -5.72
CA PRO B 13 14.25 -3.99 -4.40
C PRO B 13 15.34 -4.07 -3.33
N ARG B 14 14.95 -3.72 -2.12
CA ARG B 14 15.91 -3.60 -1.02
C ARG B 14 16.38 -4.98 -0.56
N GLY B 15 17.69 -5.19 -0.63
CA GLY B 15 18.29 -6.45 -0.26
C GLY B 15 18.69 -6.49 1.20
N HIS B 16 19.58 -7.42 1.52
CA HIS B 16 20.04 -7.63 2.89
C HIS B 16 21.28 -6.82 3.22
N GLY B 17 21.49 -5.70 2.54
CA GLY B 17 22.61 -4.83 2.87
C GLY B 17 22.47 -4.13 4.20
N ALA B 18 21.25 -4.02 4.72
CA ALA B 18 21.04 -3.40 6.01
C ALA B 18 21.58 -4.28 7.13
N GLN B 19 21.16 -5.54 7.17
CA GLN B 19 21.56 -6.43 8.26
C GLN B 19 23.01 -6.88 8.14
N LYS B 20 23.60 -6.84 6.94
CA LYS B 20 25.00 -7.22 6.81
C LYS B 20 25.93 -6.13 7.29
N ALA B 21 25.44 -4.90 7.43
CA ALA B 21 26.21 -3.87 8.11
C ALA B 21 26.14 -4.01 9.62
N ALA B 22 25.15 -4.74 10.13
CA ALA B 22 25.08 -4.98 11.56
C ALA B 22 26.13 -5.97 12.03
N LEU B 23 26.60 -6.84 11.13
CA LEU B 23 27.74 -7.70 11.44
C LEU B 23 29.00 -6.87 11.67
N VAL B 24 29.14 -5.77 10.95
CA VAL B 24 30.26 -4.86 11.17
C VAL B 24 30.10 -4.16 12.50
N LEU B 25 28.87 -3.73 12.83
CA LEU B 25 28.62 -3.06 14.10
C LEU B 25 28.75 -4.03 15.27
N LEU B 26 28.36 -5.29 15.06
CA LEU B 26 28.56 -6.31 16.08
C LEU B 26 30.04 -6.60 16.27
N SER B 27 30.81 -6.62 15.18
CA SER B 27 32.23 -6.88 15.30
C SER B 27 32.98 -5.69 15.87
N ALA B 28 32.49 -4.47 15.62
CA ALA B 28 33.18 -3.28 16.09
C ALA B 28 33.08 -3.13 17.61
N CYS B 29 31.97 -3.54 18.20
CA CYS B 29 31.89 -3.56 19.65
C CYS B 29 32.49 -4.82 20.25
N LEU B 30 32.78 -5.83 19.43
CA LEU B 30 33.41 -7.05 19.91
C LEU B 30 34.90 -7.12 19.62
N VAL B 31 35.44 -6.19 18.82
CA VAL B 31 36.89 -6.03 18.79
C VAL B 31 37.36 -5.14 19.92
N THR B 32 36.42 -4.57 20.69
CA THR B 32 36.70 -3.90 21.94
C THR B 32 36.81 -4.88 23.10
N LEU B 33 36.81 -6.20 22.81
CA LEU B 33 36.65 -7.22 23.84
C LEU B 33 37.81 -7.25 24.84
N TRP B 34 39.04 -7.06 24.37
CA TRP B 34 40.14 -6.99 25.33
C TRP B 34 40.12 -5.69 26.12
N GLY B 35 39.61 -4.63 25.51
CA GLY B 35 39.29 -3.43 26.26
C GLY B 35 38.08 -3.55 27.15
N LEU B 36 37.24 -4.56 26.90
CA LEU B 36 36.11 -4.90 27.76
C LEU B 36 36.47 -5.95 28.80
N GLY B 37 37.35 -6.89 28.45
CA GLY B 37 37.57 -8.06 29.29
C GLY B 37 38.41 -7.81 30.52
N GLU B 38 39.20 -6.74 30.53
CA GLU B 38 40.11 -6.49 31.64
C GLU B 38 40.51 -5.02 31.71
N GLU B 41 34.50 -9.30 34.42
CA GLU B 41 33.78 -9.18 33.15
C GLU B 41 32.41 -9.84 33.23
N HIS B 42 31.41 -9.08 33.64
CA HIS B 42 30.01 -9.52 33.59
C HIS B 42 29.25 -8.83 32.47
N THR B 43 29.91 -8.60 31.33
CA THR B 43 29.29 -7.87 30.24
C THR B 43 28.17 -8.65 29.57
N LEU B 44 28.17 -9.97 29.69
CA LEU B 44 27.02 -10.74 29.22
C LEU B 44 25.84 -10.63 30.16
N ARG B 45 26.09 -10.32 31.44
CA ARG B 45 24.98 -10.09 32.37
C ARG B 45 24.27 -8.79 32.05
N TYR B 46 25.04 -7.72 31.80
CA TYR B 46 24.45 -6.43 31.47
C TYR B 46 23.91 -6.34 30.05
N LEU B 47 24.12 -7.37 29.22
CA LEU B 47 23.51 -7.37 27.90
C LEU B 47 22.06 -7.83 27.99
N VAL B 48 21.81 -8.92 28.72
CA VAL B 48 20.45 -9.43 28.82
C VAL B 48 19.66 -8.65 29.86
N LEU B 49 20.33 -8.07 30.85
CA LEU B 49 19.66 -7.15 31.75
C LEU B 49 19.46 -5.78 31.14
N HIS B 50 19.94 -5.56 29.91
CA HIS B 50 19.54 -4.44 29.10
C HIS B 50 18.49 -4.86 28.08
N LEU B 51 18.66 -6.02 27.45
CA LEU B 51 17.70 -6.48 26.46
C LEU B 51 16.39 -6.93 27.07
N ALA B 52 16.33 -7.11 28.39
CA ALA B 52 15.03 -7.18 29.04
C ALA B 52 14.37 -5.80 29.06
N SER B 53 15.16 -4.76 29.28
CA SER B 53 14.61 -3.41 29.39
C SER B 53 14.18 -2.84 28.05
N LEU B 54 14.62 -3.41 26.94
CA LEU B 54 13.94 -3.11 25.68
C LEU B 54 12.70 -3.97 25.51
N GLN B 55 12.76 -5.23 25.95
CA GLN B 55 11.66 -6.14 25.70
C GLN B 55 10.49 -5.92 26.62
N LEU B 56 10.67 -5.25 27.75
CA LEU B 56 9.51 -4.76 28.48
C LEU B 56 8.85 -3.61 27.73
N GLY B 57 9.66 -2.78 27.07
CA GLY B 57 9.12 -1.62 26.38
C GLY B 57 8.27 -2.00 25.19
N LEU B 58 8.68 -3.02 24.43
CA LEU B 58 7.84 -3.52 23.36
C LEU B 58 6.63 -4.25 23.90
N LEU B 59 6.77 -4.88 25.07
CA LEU B 59 5.63 -5.48 25.73
C LEU B 59 4.67 -4.42 26.25
N LEU B 60 5.21 -3.34 26.82
CA LEU B 60 4.35 -2.27 27.31
C LEU B 60 3.76 -1.45 26.18
N ASN B 61 4.37 -1.47 25.00
CA ASN B 61 3.74 -0.83 23.86
C ASN B 61 2.58 -1.66 23.33
N GLY B 62 2.72 -2.99 23.35
CA GLY B 62 1.63 -3.85 22.94
C GLY B 62 0.47 -3.83 23.90
N VAL B 63 0.75 -3.63 25.19
CA VAL B 63 -0.32 -3.48 26.16
C VAL B 63 -1.08 -2.17 25.91
N CYS B 64 -0.35 -1.09 25.67
CA CYS B 64 -0.99 0.21 25.51
C CYS B 64 -1.69 0.33 24.16
N SER B 65 -1.13 -0.27 23.12
CA SER B 65 -1.80 -0.27 21.82
C SER B 65 -2.96 -1.23 21.76
N LEU B 66 -3.15 -2.07 22.78
CA LEU B 66 -4.26 -3.01 22.78
C LEU B 66 -5.58 -2.32 23.04
N ALA B 67 -5.55 -1.13 23.63
CA ALA B 67 -6.79 -0.36 23.82
C ALA B 67 -7.36 0.13 22.50
N GLU B 68 -6.51 0.32 21.50
CA GLU B 68 -7.00 0.76 20.20
C GLU B 68 -7.61 -0.38 19.40
N GLU B 69 -6.90 -1.51 19.39
CA GLU B 69 -7.30 -2.75 18.66
C GLU B 69 -8.63 -3.31 19.21
N LEU B 70 -8.86 -3.15 20.52
CA LEU B 70 -10.09 -3.67 21.18
C LEU B 70 -11.34 -3.01 20.58
N ARG B 71 -11.26 -1.72 20.22
CA ARG B 71 -12.42 -1.02 19.62
C ARG B 71 -12.83 -1.71 18.31
N HIS B 72 -11.85 -2.13 17.50
CA HIS B 72 -12.11 -2.73 16.17
C HIS B 72 -11.96 -4.26 16.15
N ILE B 73 -11.98 -4.93 17.30
CA ILE B 73 -11.77 -6.42 17.28
C ILE B 73 -12.85 -7.11 16.44
N HIS B 74 -14.12 -6.75 16.59
CA HIS B 74 -15.21 -7.43 15.84
C HIS B 74 -15.10 -7.21 14.33
N SER B 75 -14.88 -5.96 13.90
CA SER B 75 -14.80 -5.63 12.45
C SER B 75 -13.56 -6.22 11.79
N ARG B 76 -12.41 -6.14 12.47
CA ARG B 76 -11.13 -6.58 11.93
C ARG B 76 -10.84 -8.03 12.26
N TYR B 77 -11.30 -8.52 13.41
CA TYR B 77 -10.91 -9.83 13.91
C TYR B 77 -12.12 -10.71 14.20
N ARG B 78 -13.21 -10.46 13.48
CA ARG B 78 -14.50 -11.20 13.51
C ARG B 78 -15.03 -11.48 14.91
N GLY B 79 -14.70 -10.63 15.89
CA GLY B 79 -15.12 -10.85 17.25
C GLY B 79 -14.29 -11.84 18.03
N SER B 80 -13.06 -12.08 17.62
CA SER B 80 -12.18 -13.04 18.30
C SER B 80 -11.14 -12.29 19.11
N TYR B 81 -10.93 -12.73 20.35
CA TYR B 81 -9.98 -12.05 21.22
C TYR B 81 -8.55 -12.44 20.91
N TRP B 82 -8.31 -13.68 20.51
CA TRP B 82 -6.93 -14.16 20.37
C TRP B 82 -6.28 -13.61 19.11
N ARG B 83 -7.05 -13.32 18.07
CA ARG B 83 -6.47 -12.66 16.91
C ARG B 83 -6.09 -11.23 17.22
N THR B 84 -6.78 -10.59 18.16
CA THR B 84 -6.46 -9.21 18.52
C THR B 84 -5.16 -9.16 19.32
N VAL B 85 -4.91 -10.15 20.17
CA VAL B 85 -3.67 -10.17 20.95
C VAL B 85 -2.48 -10.49 20.05
N ARG B 86 -2.69 -11.35 19.06
CA ARG B 86 -1.65 -11.66 18.09
C ARG B 86 -1.33 -10.44 17.22
N ALA B 87 -2.35 -9.65 16.90
CA ALA B 87 -2.14 -8.47 16.07
C ALA B 87 -1.50 -7.34 16.85
N CYS B 88 -1.65 -7.35 18.18
CA CYS B 88 -1.18 -6.22 18.98
C CYS B 88 0.29 -6.35 19.33
N LEU B 89 0.78 -7.58 19.42
CA LEU B 89 2.13 -7.83 19.86
C LEU B 89 2.99 -8.51 18.80
N GLY B 90 2.39 -9.33 17.94
CA GLY B 90 3.14 -9.89 16.83
C GLY B 90 3.56 -11.32 17.09
N CYS B 91 4.87 -11.56 17.03
CA CYS B 91 5.44 -12.87 17.30
C CYS B 91 6.23 -12.82 18.59
N PRO B 92 5.62 -13.10 19.74
CA PRO B 92 6.37 -13.05 21.01
C PRO B 92 7.22 -14.28 21.29
N LEU B 93 7.34 -15.21 20.34
CA LEU B 93 8.16 -16.39 20.58
C LEU B 93 9.65 -16.05 20.52
N ARG B 94 10.03 -15.14 19.62
CA ARG B 94 11.41 -14.67 19.62
C ARG B 94 11.64 -13.64 20.72
N ARG B 95 10.57 -13.01 21.20
CA ARG B 95 10.71 -12.03 22.27
C ARG B 95 10.65 -12.69 23.63
N GLY B 96 9.63 -13.52 23.87
CA GLY B 96 9.46 -14.17 25.15
C GLY B 96 10.54 -15.18 25.49
N ALA B 97 11.24 -15.69 24.49
CA ALA B 97 12.42 -16.51 24.76
C ALA B 97 13.54 -15.67 25.36
N LEU B 98 13.59 -14.39 25.03
CA LEU B 98 14.53 -13.47 25.66
C LEU B 98 13.99 -12.90 26.97
N LEU B 99 12.67 -12.96 27.18
CA LEU B 99 12.11 -12.63 28.49
C LEU B 99 12.55 -13.64 29.54
N LEU B 100 12.20 -14.91 29.33
CA LEU B 100 12.47 -15.94 30.32
C LEU B 100 13.95 -16.26 30.47
N LEU B 101 14.76 -15.94 29.45
CA LEU B 101 16.21 -16.04 29.62
C LEU B 101 16.72 -14.94 30.55
N SER B 102 16.10 -13.76 30.49
CA SER B 102 16.54 -12.65 31.33
C SER B 102 16.07 -12.77 32.76
N ILE B 103 15.07 -13.62 33.04
CA ILE B 103 14.63 -13.84 34.42
C ILE B 103 15.72 -14.53 35.22
N TYR B 104 16.40 -15.50 34.60
CA TYR B 104 17.45 -16.22 35.29
C TYR B 104 18.67 -15.34 35.56
N PHE B 105 18.91 -14.34 34.73
CA PHE B 105 20.18 -13.64 34.78
C PHE B 105 20.22 -12.61 35.90
N TYR B 106 19.16 -11.83 36.09
CA TYR B 106 19.11 -10.95 37.25
C TYR B 106 18.84 -11.72 38.53
N TYR B 107 18.37 -12.97 38.44
CA TYR B 107 18.32 -13.85 39.59
C TYR B 107 19.72 -14.25 40.03
N SER B 108 20.65 -14.39 39.09
CA SER B 108 22.02 -14.77 39.41
C SER B 108 22.80 -13.59 39.98
N PRO B 116 16.21 -3.11 43.36
CA PRO B 116 15.08 -2.18 43.25
C PRO B 116 14.21 -2.47 42.04
N PHE B 117 13.61 -3.66 41.98
CA PHE B 117 12.88 -4.04 40.77
C PHE B 117 11.55 -3.32 40.67
N THR B 118 10.89 -3.06 41.80
CA THR B 118 9.62 -2.33 41.77
C THR B 118 9.82 -0.90 41.27
N TRP B 119 10.98 -0.30 41.54
CA TRP B 119 11.33 0.94 40.88
C TRP B 119 11.77 0.71 39.44
N MET B 120 12.46 -0.41 39.17
CA MET B 120 12.98 -0.67 37.83
C MET B 120 11.90 -0.98 36.82
N LEU B 121 10.68 -1.26 37.25
CA LEU B 121 9.53 -1.25 36.37
C LEU B 121 8.91 0.13 36.28
N ALA B 122 9.00 0.92 37.35
CA ALA B 122 8.41 2.25 37.37
C ALA B 122 9.12 3.21 36.44
N LEU B 123 10.39 2.95 36.11
CA LEU B 123 11.08 3.77 35.13
C LEU B 123 10.70 3.37 33.71
N LEU B 124 10.46 2.08 33.48
CA LEU B 124 10.18 1.61 32.12
C LEU B 124 8.78 2.01 31.66
N GLY B 125 7.79 1.88 32.54
CA GLY B 125 6.45 2.33 32.18
C GLY B 125 6.36 3.83 32.06
N LEU B 126 7.20 4.55 32.79
CA LEU B 126 7.30 6.00 32.62
C LEU B 126 7.96 6.35 31.30
N SER B 127 8.97 5.57 30.90
CA SER B 127 9.71 5.86 29.68
C SER B 127 8.90 5.52 28.45
N GLN B 128 8.30 4.32 28.42
CA GLN B 128 7.54 3.90 27.25
C GLN B 128 6.23 4.65 27.10
N ALA B 129 5.74 5.29 28.16
CA ALA B 129 4.62 6.21 28.00
C ALA B 129 5.06 7.46 27.26
N LEU B 130 6.18 8.04 27.68
CA LEU B 130 6.67 9.26 27.04
C LEU B 130 7.26 8.99 25.67
N ASN B 131 7.71 7.76 25.41
CA ASN B 131 8.29 7.44 24.11
C ASN B 131 7.24 7.37 23.01
N ILE B 132 5.97 7.18 23.37
CA ILE B 132 4.89 7.17 22.38
C ILE B 132 3.94 8.34 22.54
N LEU B 133 4.06 9.12 23.60
CA LEU B 133 3.25 10.34 23.73
C LEU B 133 3.92 11.53 23.06
N LEU B 134 5.25 11.57 23.02
CA LEU B 134 5.97 12.58 22.27
C LEU B 134 6.31 12.12 20.86
N GLY B 135 5.63 11.09 20.37
CA GLY B 135 5.73 10.66 18.99
C GLY B 135 7.06 10.08 18.57
N LEU B 136 7.92 9.70 19.52
CA LEU B 136 9.22 9.15 19.17
C LEU B 136 9.13 7.73 18.61
N LYS B 137 8.02 7.04 18.83
CA LYS B 137 7.77 5.74 18.20
C LYS B 137 7.36 6.01 16.75
N GLY B 138 8.38 6.26 15.93
CA GLY B 138 8.16 6.59 14.54
C GLY B 138 9.35 6.21 13.70
N LEU B 139 9.11 5.50 12.62
CA LEU B 139 10.21 4.91 11.85
C LEU B 139 10.84 5.95 10.94
N ALA B 140 11.70 5.49 10.15
CA ALA B 140 12.34 6.25 9.09
C ALA B 140 11.53 6.11 7.82
N PRO B 141 11.59 7.10 6.91
CA PRO B 141 10.88 6.96 5.62
C PRO B 141 11.47 5.91 4.70
N ALA B 142 12.66 5.39 4.99
CA ALA B 142 13.14 4.21 4.30
C ALA B 142 12.45 2.96 4.80
N GLU B 143 12.36 2.81 6.12
CA GLU B 143 11.71 1.64 6.72
C GLU B 143 10.21 1.68 6.52
N ILE B 144 9.63 2.87 6.43
CA ILE B 144 8.22 3.00 6.07
C ILE B 144 8.01 2.55 4.63
N SER B 145 8.93 2.93 3.74
CA SER B 145 8.87 2.47 2.35
C SER B 145 9.60 1.16 2.13
N ALA B 146 10.03 0.48 3.19
CA ALA B 146 10.58 -0.86 3.04
C ALA B 146 9.50 -1.91 3.11
N LEU B 147 8.70 -1.89 4.18
CA LEU B 147 7.64 -2.88 4.32
C LEU B 147 6.48 -2.58 3.39
N CYS B 148 6.28 -1.32 3.02
CA CYS B 148 5.19 -0.99 2.11
C CYS B 148 5.50 -1.45 0.70
N GLU B 149 6.78 -1.54 0.34
CA GLU B 149 7.16 -2.17 -0.91
C GLU B 149 7.23 -3.69 -0.78
N LYS B 150 7.27 -4.21 0.45
CA LYS B 150 7.41 -5.65 0.63
C LYS B 150 6.11 -6.36 0.31
N GLY B 151 4.98 -5.87 0.82
CA GLY B 151 3.70 -6.44 0.49
C GLY B 151 3.30 -6.15 -0.93
N ASN B 152 3.33 -7.18 -1.78
CA ASN B 152 3.02 -7.01 -3.20
C ASN B 152 1.54 -6.78 -3.44
N PHE B 153 0.69 -7.05 -2.44
CA PHE B 153 -0.74 -6.85 -2.55
C PHE B 153 -1.14 -5.80 -1.51
N ASN B 154 -1.05 -4.53 -1.91
CA ASN B 154 -1.55 -3.41 -1.11
C ASN B 154 -2.61 -2.73 -1.94
N VAL B 155 -3.53 -3.53 -2.46
CA VAL B 155 -4.22 -3.26 -3.71
C VAL B 155 -5.61 -2.68 -3.50
N ALA B 156 -5.84 -2.02 -2.38
CA ALA B 156 -7.15 -1.41 -2.19
C ALA B 156 -7.19 0.05 -2.59
N HIS B 157 -6.11 0.80 -2.33
CA HIS B 157 -6.09 2.20 -2.74
C HIS B 157 -5.90 2.33 -4.23
N GLY B 158 -5.15 1.41 -4.85
CA GLY B 158 -4.97 1.45 -6.28
C GLY B 158 -6.19 1.03 -7.07
N LEU B 159 -7.14 0.36 -6.43
CA LEU B 159 -8.38 -0.04 -7.08
C LEU B 159 -9.51 0.93 -6.79
N ALA B 160 -9.52 1.55 -5.62
CA ALA B 160 -10.52 2.57 -5.34
C ALA B 160 -10.28 3.81 -6.17
N TRP B 161 -9.03 4.24 -6.27
CA TRP B 161 -8.72 5.43 -7.03
C TRP B 161 -8.79 5.21 -8.53
N SER B 162 -8.52 3.98 -8.99
CA SER B 162 -8.74 3.71 -10.41
C SER B 162 -10.21 3.60 -10.75
N TYR B 163 -11.06 3.34 -9.77
CA TYR B 163 -12.49 3.27 -10.05
C TYR B 163 -13.10 4.65 -10.06
N TYR B 164 -12.66 5.53 -9.16
CA TYR B 164 -13.21 6.88 -9.14
C TYR B 164 -12.69 7.70 -10.32
N ILE B 165 -11.39 7.59 -10.61
CA ILE B 165 -10.84 8.33 -11.75
C ILE B 165 -11.30 7.72 -13.05
N GLY B 166 -11.29 6.38 -13.13
CA GLY B 166 -11.63 5.72 -14.37
C GLY B 166 -13.11 5.71 -14.68
N TYR B 167 -13.92 5.19 -13.77
CA TYR B 167 -15.31 4.88 -14.09
C TYR B 167 -16.32 5.78 -13.40
N LEU B 168 -16.05 6.25 -12.19
CA LEU B 168 -17.08 7.01 -11.48
C LEU B 168 -17.18 8.44 -12.01
N ARG B 169 -16.06 9.16 -12.03
CA ARG B 169 -16.08 10.55 -12.46
C ARG B 169 -16.38 10.72 -13.94
N LEU B 170 -16.31 9.65 -14.73
CA LEU B 170 -16.71 9.71 -16.12
C LEU B 170 -18.18 9.39 -16.34
N ILE B 171 -18.89 8.89 -15.34
CA ILE B 171 -20.28 8.50 -15.55
C ILE B 171 -21.21 9.18 -14.55
N LEU B 172 -20.68 9.60 -13.40
CA LEU B 172 -21.55 10.19 -12.39
C LEU B 172 -22.02 11.62 -12.67
N PRO B 173 -21.24 12.54 -13.27
CA PRO B 173 -21.86 13.81 -13.68
C PRO B 173 -22.94 13.65 -14.73
N GLU B 174 -22.75 12.77 -15.70
CA GLU B 174 -23.75 12.58 -16.75
C GLU B 174 -24.81 11.55 -16.39
N LEU B 175 -24.89 11.13 -15.13
CA LEU B 175 -25.83 10.08 -14.77
C LEU B 175 -27.25 10.63 -14.63
N GLN B 176 -27.40 11.76 -13.92
CA GLN B 176 -28.72 12.31 -13.64
C GLN B 176 -29.40 12.81 -14.90
N ALA B 177 -28.62 13.12 -15.93
CA ALA B 177 -29.18 13.42 -17.24
C ALA B 177 -29.86 12.19 -17.82
N ARG B 178 -29.18 11.04 -17.79
CA ARG B 178 -29.75 9.83 -18.36
C ARG B 178 -30.86 9.24 -17.49
N ILE B 179 -30.90 9.61 -16.21
CA ILE B 179 -31.99 9.14 -15.35
C ILE B 179 -33.29 9.84 -15.71
N ARG B 180 -33.27 11.17 -15.81
CA ARG B 180 -34.49 11.90 -16.14
C ARG B 180 -34.89 11.73 -17.60
N THR B 181 -33.92 11.51 -18.49
CA THR B 181 -34.25 11.25 -19.89
C THR B 181 -34.97 9.93 -20.05
N TYR B 182 -34.51 8.90 -19.36
CA TYR B 182 -35.25 7.66 -19.31
C TYR B 182 -36.54 7.79 -18.49
N ASN B 183 -36.61 8.79 -17.62
CA ASN B 183 -37.85 9.04 -16.89
C ASN B 183 -38.83 9.87 -17.72
N GLN B 184 -38.34 10.88 -18.43
CA GLN B 184 -39.22 11.70 -19.26
C GLN B 184 -39.63 10.97 -20.54
N HIS B 185 -38.88 9.96 -20.96
CA HIS B 185 -39.35 9.08 -22.02
C HIS B 185 -40.54 8.26 -21.55
N TYR B 186 -40.58 7.92 -20.26
CA TYR B 186 -41.72 7.23 -19.68
C TYR B 186 -42.62 8.20 -18.94
N ARG B 191 -46.07 5.01 -15.50
CA ARG B 191 -45.20 4.62 -16.60
C ARG B 191 -43.86 4.12 -16.06
N GLY B 192 -42.92 5.03 -15.85
CA GLY B 192 -41.62 4.67 -15.32
C GLY B 192 -41.27 5.52 -14.11
N ALA B 193 -40.53 4.89 -13.20
CA ALA B 193 -39.99 5.50 -11.97
C ALA B 193 -38.49 5.14 -11.91
N VAL B 194 -37.61 6.14 -11.75
CA VAL B 194 -36.15 5.87 -11.74
C VAL B 194 -35.53 6.46 -10.46
N SER B 195 -34.62 5.71 -9.82
CA SER B 195 -33.97 6.19 -8.58
C SER B 195 -33.04 7.37 -8.90
N GLN B 196 -32.91 8.30 -7.94
CA GLN B 196 -32.09 9.54 -8.10
C GLN B 196 -30.60 9.23 -8.30
N ARG B 197 -30.05 8.22 -7.62
CA ARG B 197 -28.59 7.95 -7.73
C ARG B 197 -28.32 6.49 -8.09
N LEU B 198 -27.15 6.24 -8.70
CA LEU B 198 -26.70 4.89 -9.10
C LEU B 198 -26.31 4.09 -7.84
N TYR B 199 -26.62 2.80 -7.82
CA TYR B 199 -26.29 1.94 -6.65
C TYR B 199 -25.09 1.06 -7.00
N ILE B 200 -24.04 1.13 -6.19
CA ILE B 200 -22.82 0.36 -6.39
C ILE B 200 -22.78 -0.71 -5.33
N LEU B 201 -22.98 -1.96 -5.73
CA LEU B 201 -22.92 -3.06 -4.79
C LEU B 201 -21.47 -3.36 -4.46
N LEU B 202 -21.25 -3.77 -3.22
CA LEU B 202 -19.91 -4.12 -2.75
C LEU B 202 -19.96 -5.45 -2.02
N PRO B 203 -19.90 -6.56 -2.75
CA PRO B 203 -19.85 -7.87 -2.09
C PRO B 203 -18.53 -8.08 -1.38
N LEU B 204 -18.58 -8.24 -0.06
CA LEU B 204 -17.36 -8.41 0.72
C LEU B 204 -16.70 -9.76 0.48
N ASP B 205 -17.45 -10.74 0.01
CA ASP B 205 -16.87 -12.03 -0.37
C ASP B 205 -16.31 -12.04 -1.77
N CYS B 206 -16.43 -10.91 -2.50
CA CYS B 206 -15.90 -10.69 -3.85
C CYS B 206 -16.48 -11.64 -4.89
N GLY B 207 -17.63 -12.26 -4.61
CA GLY B 207 -18.23 -13.14 -5.59
C GLY B 207 -19.16 -12.38 -6.51
N VAL B 208 -18.66 -12.00 -7.68
CA VAL B 208 -19.40 -11.14 -8.60
C VAL B 208 -19.81 -11.98 -9.81
N PRO B 209 -21.08 -12.25 -10.00
CA PRO B 209 -21.54 -12.83 -11.27
C PRO B 209 -21.68 -11.76 -12.33
N ASP B 210 -21.57 -12.18 -13.59
CA ASP B 210 -21.72 -11.26 -14.70
C ASP B 210 -23.15 -10.82 -14.92
N ASN B 211 -24.12 -11.58 -14.40
CA ASN B 211 -25.52 -11.19 -14.41
C ASN B 211 -26.05 -11.16 -12.99
N LEU B 212 -26.91 -10.19 -12.71
CA LEU B 212 -27.52 -10.07 -11.40
C LEU B 212 -28.83 -10.84 -11.28
N SER B 213 -29.33 -11.40 -12.38
CA SER B 213 -30.58 -12.14 -12.35
C SER B 213 -30.46 -13.47 -11.61
N MET B 214 -29.24 -13.97 -11.42
CA MET B 214 -29.01 -15.16 -10.62
C MET B 214 -28.53 -14.85 -9.21
N ALA B 215 -28.21 -13.58 -8.92
CA ALA B 215 -27.86 -13.20 -7.56
C ALA B 215 -29.08 -13.31 -6.64
N ASP B 216 -30.23 -12.89 -7.15
CA ASP B 216 -31.54 -13.16 -6.56
C ASP B 216 -32.52 -13.30 -7.72
N PRO B 217 -33.60 -14.06 -7.55
CA PRO B 217 -34.66 -14.03 -8.56
C PRO B 217 -35.45 -12.74 -8.57
N ASN B 218 -35.30 -11.92 -7.53
CA ASN B 218 -36.05 -10.67 -7.43
C ASN B 218 -35.51 -9.63 -8.43
N ILE B 219 -34.20 -9.67 -8.69
CA ILE B 219 -33.56 -8.59 -9.42
C ILE B 219 -33.72 -8.70 -10.92
N ARG B 220 -34.28 -9.81 -11.42
CA ARG B 220 -34.18 -10.19 -12.82
C ARG B 220 -34.90 -9.21 -13.75
N PHE B 221 -34.11 -8.42 -14.47
CA PHE B 221 -34.54 -7.34 -15.35
C PHE B 221 -33.34 -6.82 -16.13
N LEU B 222 -33.56 -6.14 -17.26
CA LEU B 222 -32.49 -5.45 -17.94
C LEU B 222 -33.06 -4.31 -18.77
N ASP B 223 -32.30 -3.22 -18.82
CA ASP B 223 -32.60 -2.08 -19.69
C ASP B 223 -31.33 -1.30 -19.92
N LYS B 224 -31.29 -0.59 -21.04
CA LYS B 224 -30.17 0.28 -21.37
C LYS B 224 -30.60 1.74 -21.24
N LEU B 225 -29.63 2.63 -21.34
CA LEU B 225 -29.90 4.06 -21.19
C LEU B 225 -29.21 4.83 -22.31
N PRO B 226 -29.85 5.89 -22.81
CA PRO B 226 -29.20 6.73 -23.83
C PRO B 226 -28.12 7.62 -23.22
N GLN B 227 -27.38 8.28 -24.08
CA GLN B 227 -26.37 9.26 -23.66
C GLN B 227 -26.14 10.31 -24.73
N ASP B 237 -19.94 9.40 -26.66
CA ASP B 237 -18.48 9.26 -26.68
C ASP B 237 -18.06 7.95 -26.02
N ARG B 238 -17.80 8.01 -24.73
CA ARG B 238 -17.44 6.83 -23.95
C ARG B 238 -18.67 5.96 -23.78
N VAL B 239 -18.68 4.79 -24.42
CA VAL B 239 -19.83 3.89 -24.34
C VAL B 239 -19.82 3.22 -22.97
N TYR B 240 -20.76 3.62 -22.12
CA TYR B 240 -20.99 2.99 -20.83
C TYR B 240 -22.43 2.51 -20.81
N SER B 241 -22.61 1.20 -20.93
CA SER B 241 -23.95 0.62 -21.04
C SER B 241 -24.41 0.16 -19.66
N ASN B 242 -24.91 1.11 -18.90
CA ASN B 242 -25.45 0.79 -17.58
C ASN B 242 -26.76 0.02 -17.72
N SER B 243 -27.10 -0.71 -16.66
CA SER B 243 -28.23 -1.61 -16.68
C SER B 243 -29.12 -1.34 -15.48
N ILE B 244 -30.39 -1.09 -15.75
CA ILE B 244 -31.38 -0.86 -14.70
C ILE B 244 -32.02 -2.20 -14.35
N TYR B 245 -32.20 -2.44 -13.06
CA TYR B 245 -32.77 -3.69 -12.57
C TYR B 245 -33.97 -3.40 -11.71
N GLU B 246 -35.01 -4.22 -11.85
CA GLU B 246 -36.23 -4.10 -11.07
C GLU B 246 -36.15 -5.03 -9.88
N LEU B 247 -36.50 -4.50 -8.70
CA LEU B 247 -36.52 -5.31 -7.48
C LEU B 247 -37.91 -5.87 -7.26
N LEU B 248 -38.09 -7.15 -7.58
CA LEU B 248 -39.40 -7.79 -7.50
C LEU B 248 -39.57 -8.42 -6.13
N GLU B 249 -40.11 -7.66 -5.19
CA GLU B 249 -40.43 -8.16 -3.87
C GLU B 249 -41.81 -8.81 -3.91
N ASN B 250 -41.86 -10.09 -3.49
CA ASN B 250 -43.03 -11.00 -3.58
C ASN B 250 -43.80 -10.86 -4.89
N GLY B 251 -43.06 -10.85 -6.00
CA GLY B 251 -43.68 -10.74 -7.31
C GLY B 251 -44.22 -9.37 -7.64
N GLN B 252 -43.85 -8.33 -6.89
CA GLN B 252 -44.35 -6.98 -7.10
C GLN B 252 -43.17 -6.03 -7.22
N ARG B 253 -43.33 -5.02 -8.06
CA ARG B 253 -42.28 -4.03 -8.34
C ARG B 253 -42.16 -3.10 -7.14
N ALA B 254 -41.18 -3.41 -6.28
CA ALA B 254 -40.98 -2.59 -5.08
C ALA B 254 -40.00 -1.46 -5.32
N GLY B 255 -39.22 -1.51 -6.40
CA GLY B 255 -38.31 -0.44 -6.70
C GLY B 255 -37.54 -0.63 -8.00
N THR B 256 -37.49 0.41 -8.82
CA THR B 256 -36.76 0.40 -10.09
C THR B 256 -35.58 1.35 -9.95
N CYS B 257 -34.38 0.79 -9.86
CA CYS B 257 -33.18 1.60 -9.72
C CYS B 257 -32.06 0.95 -10.48
N VAL B 258 -31.00 1.71 -10.73
CA VAL B 258 -29.85 1.19 -11.44
C VAL B 258 -28.84 0.65 -10.43
N LEU B 259 -28.40 -0.58 -10.67
CA LEU B 259 -27.45 -1.26 -9.79
C LEU B 259 -26.32 -1.80 -10.64
N GLU B 260 -25.11 -1.72 -10.11
CA GLU B 260 -23.96 -2.27 -10.82
C GLU B 260 -22.92 -2.68 -9.78
N TYR B 261 -22.29 -3.83 -10.03
CA TYR B 261 -21.30 -4.37 -9.12
C TYR B 261 -20.03 -3.54 -9.18
N ALA B 262 -19.12 -3.80 -8.26
CA ALA B 262 -17.83 -3.14 -8.27
C ALA B 262 -16.90 -3.92 -9.19
N THR B 263 -16.48 -3.27 -10.27
CA THR B 263 -15.52 -3.90 -11.18
C THR B 263 -14.14 -4.14 -10.57
N PRO B 264 -13.59 -3.31 -9.65
CA PRO B 264 -12.39 -3.74 -8.93
C PRO B 264 -12.60 -4.93 -8.01
N LEU B 265 -13.82 -5.33 -7.68
CA LEU B 265 -13.98 -6.49 -6.84
C LEU B 265 -13.86 -7.79 -7.60
N GLN B 266 -14.02 -7.77 -8.92
CA GLN B 266 -13.65 -8.93 -9.71
C GLN B 266 -12.14 -9.05 -9.82
N THR B 267 -11.42 -7.94 -9.68
CA THR B 267 -9.97 -7.97 -9.70
C THR B 267 -9.43 -8.64 -8.45
N LEU B 268 -10.00 -8.30 -7.29
CA LEU B 268 -9.62 -8.98 -6.05
C LEU B 268 -10.03 -10.45 -6.06
N PHE B 269 -11.11 -10.78 -6.77
CA PHE B 269 -11.52 -12.17 -6.88
C PHE B 269 -10.58 -12.94 -7.79
N ALA B 270 -10.24 -12.35 -8.94
CA ALA B 270 -9.38 -13.06 -9.89
C ALA B 270 -7.93 -13.14 -9.43
N MET B 271 -7.52 -12.31 -8.47
CA MET B 271 -6.19 -12.45 -7.92
C MET B 271 -6.08 -13.65 -6.99
N SER B 272 -7.16 -13.97 -6.29
CA SER B 272 -7.16 -15.17 -5.45
C SER B 272 -7.18 -16.43 -6.30
N GLN B 273 -7.74 -16.36 -7.51
CA GLN B 273 -7.70 -17.45 -8.47
C GLN B 273 -6.44 -17.44 -9.31
N TYR B 274 -5.49 -16.58 -8.98
CA TYR B 274 -4.14 -16.62 -9.53
C TYR B 274 -3.26 -17.23 -8.44
N SER B 275 -3.16 -18.56 -8.46
CA SER B 275 -2.56 -19.31 -7.35
C SER B 275 -1.06 -19.13 -7.26
N GLN B 276 -0.41 -18.63 -8.31
CA GLN B 276 1.01 -18.29 -8.21
C GLN B 276 1.20 -17.08 -7.30
N ALA B 277 0.30 -16.11 -7.38
CA ALA B 277 0.29 -15.01 -6.43
C ALA B 277 -0.26 -15.51 -5.11
N GLY B 278 0.49 -15.29 -4.03
CA GLY B 278 0.06 -15.74 -2.71
C GLY B 278 -1.05 -14.89 -2.13
N PHE B 279 -2.24 -14.97 -2.73
CA PHE B 279 -3.39 -14.19 -2.32
C PHE B 279 -4.45 -15.14 -1.81
N SER B 280 -4.67 -15.13 -0.49
CA SER B 280 -5.59 -16.05 0.14
C SER B 280 -7.02 -15.53 0.05
N ARG B 281 -7.94 -16.24 0.68
CA ARG B 281 -9.28 -15.75 0.90
C ARG B 281 -9.39 -14.92 2.17
N GLU B 282 -8.29 -14.70 2.87
CA GLU B 282 -8.27 -13.81 4.02
C GLU B 282 -7.68 -12.45 3.70
N ASP B 283 -6.67 -12.40 2.83
CA ASP B 283 -6.23 -11.12 2.28
C ASP B 283 -7.32 -10.51 1.43
N ARG B 284 -8.08 -11.35 0.73
CA ARG B 284 -9.21 -10.89 -0.06
C ARG B 284 -10.35 -10.38 0.80
N LEU B 285 -10.38 -10.71 2.09
CA LEU B 285 -11.32 -10.13 3.03
C LEU B 285 -10.72 -8.99 3.84
N GLU B 286 -9.50 -8.58 3.53
CA GLU B 286 -8.96 -7.35 4.10
C GLU B 286 -9.03 -6.21 3.11
N GLN B 287 -8.59 -6.41 1.87
CA GLN B 287 -8.64 -5.34 0.88
C GLN B 287 -10.08 -5.03 0.48
N ALA B 288 -10.94 -6.04 0.43
CA ALA B 288 -12.33 -5.77 0.19
C ALA B 288 -13.07 -5.29 1.44
N LYS B 289 -12.40 -5.20 2.57
CA LYS B 289 -12.89 -4.44 3.70
C LYS B 289 -12.24 -3.06 3.77
N LEU B 290 -11.27 -2.80 2.90
CA LEU B 290 -10.57 -1.52 2.84
C LEU B 290 -10.95 -0.71 1.61
N PHE B 291 -11.02 -1.36 0.44
CA PHE B 291 -11.49 -0.67 -0.76
C PHE B 291 -12.92 -0.20 -0.60
N CYS B 292 -13.74 -0.95 0.14
CA CYS B 292 -15.09 -0.48 0.42
C CYS B 292 -15.10 0.67 1.40
N ARG B 293 -14.03 0.86 2.18
CA ARG B 293 -13.96 2.00 3.07
C ARG B 293 -13.34 3.22 2.41
N THR B 294 -12.28 3.02 1.62
CA THR B 294 -11.62 4.15 0.99
C THR B 294 -12.47 4.72 -0.13
N LEU B 295 -13.35 3.91 -0.73
CA LEU B 295 -14.22 4.45 -1.77
C LEU B 295 -15.28 5.35 -1.17
N GLU B 296 -15.67 5.11 0.08
CA GLU B 296 -16.57 6.05 0.74
C GLU B 296 -15.87 7.37 1.02
N ASP B 297 -14.58 7.29 1.39
CA ASP B 297 -13.83 8.51 1.70
C ASP B 297 -13.54 9.31 0.44
N ILE B 298 -13.39 8.63 -0.70
CA ILE B 298 -13.16 9.35 -1.96
C ILE B 298 -14.44 10.04 -2.40
N LEU B 299 -15.58 9.35 -2.27
CA LEU B 299 -16.86 9.95 -2.60
C LEU B 299 -17.27 11.02 -1.59
N ALA B 300 -16.74 10.96 -0.36
CA ALA B 300 -17.03 12.01 0.60
C ALA B 300 -16.28 13.30 0.27
N ASP B 301 -15.15 13.19 -0.42
CA ASP B 301 -14.39 14.39 -0.79
C ASP B 301 -15.03 15.12 -1.95
N ALA B 302 -15.42 14.39 -2.98
CA ALA B 302 -16.11 15.02 -4.10
C ALA B 302 -17.52 15.42 -3.68
N PRO B 303 -17.93 16.66 -3.92
CA PRO B 303 -19.21 17.13 -3.37
C PRO B 303 -20.43 16.58 -4.08
N GLU B 304 -20.39 16.56 -5.41
CA GLU B 304 -21.56 16.15 -6.19
C GLU B 304 -21.73 14.64 -6.19
N SER B 305 -20.64 13.89 -6.05
CA SER B 305 -20.72 12.44 -6.19
C SER B 305 -21.31 11.78 -4.95
N GLN B 306 -21.17 12.41 -3.78
CA GLN B 306 -21.70 11.83 -2.56
C GLN B 306 -23.23 11.76 -2.57
N ASN B 307 -23.87 12.74 -3.22
CA ASN B 307 -25.31 12.73 -3.43
C ASN B 307 -25.69 12.09 -4.76
N ASN B 308 -24.75 11.46 -5.44
CA ASN B 308 -25.01 10.87 -6.74
C ASN B 308 -25.05 9.35 -6.73
N CYS B 309 -24.42 8.70 -5.77
CA CYS B 309 -24.37 7.25 -5.77
C CYS B 309 -24.27 6.73 -4.34
N ARG B 310 -24.82 5.53 -4.13
CA ARG B 310 -24.90 4.95 -2.80
C ARG B 310 -24.29 3.56 -2.82
N LEU B 311 -23.35 3.31 -1.90
CA LEU B 311 -22.64 2.05 -1.85
C LEU B 311 -23.38 1.08 -0.94
N ILE B 312 -23.50 -0.17 -1.37
CA ILE B 312 -24.14 -1.22 -0.61
C ILE B 312 -23.07 -2.28 -0.36
N ALA B 313 -22.59 -2.35 0.87
CA ALA B 313 -21.48 -3.24 1.22
C ALA B 313 -22.00 -4.54 1.83
N TYR B 314 -22.75 -5.30 1.03
CA TYR B 314 -23.38 -6.50 1.53
C TYR B 314 -22.38 -7.63 1.63
N GLN B 315 -22.54 -8.47 2.65
CA GLN B 315 -21.66 -9.61 2.88
C GLN B 315 -22.49 -10.86 3.09
N GLU B 316 -22.22 -11.89 2.32
CA GLU B 316 -22.92 -13.16 2.49
C GLU B 316 -22.39 -13.88 3.72
N PRO B 317 -23.25 -14.23 4.70
CA PRO B 317 -22.82 -15.00 5.86
C PRO B 317 -22.58 -16.47 5.53
N SER B 321 -25.14 -17.99 7.73
CA SER B 321 -26.57 -17.70 7.75
C SER B 321 -27.09 -17.37 6.36
N SER B 322 -28.41 -17.33 6.22
CA SER B 322 -29.07 -17.03 4.96
C SER B 322 -29.60 -15.61 4.97
N PHE B 323 -29.69 -15.01 3.78
CA PHE B 323 -30.16 -13.65 3.62
C PHE B 323 -30.63 -13.47 2.18
N SER B 324 -31.14 -12.28 1.88
CA SER B 324 -31.52 -11.90 0.54
C SER B 324 -31.09 -10.46 0.34
N LEU B 325 -30.31 -10.20 -0.70
CA LEU B 325 -29.75 -8.86 -0.88
C LEU B 325 -30.75 -7.88 -1.48
N SER B 326 -31.89 -8.37 -1.98
CA SER B 326 -32.92 -7.48 -2.49
C SER B 326 -33.61 -6.68 -1.39
N GLN B 327 -33.47 -7.10 -0.13
CA GLN B 327 -34.03 -6.34 0.99
C GLN B 327 -33.15 -5.14 1.34
N GLU B 328 -31.84 -5.36 1.43
CA GLU B 328 -30.92 -4.30 1.83
C GLU B 328 -30.65 -3.30 0.73
N VAL B 329 -30.96 -3.62 -0.52
CA VAL B 329 -31.10 -2.57 -1.53
C VAL B 329 -32.32 -1.71 -1.20
N LEU B 330 -33.45 -2.36 -0.92
CA LEU B 330 -34.67 -1.65 -0.57
C LEU B 330 -34.60 -1.01 0.81
N ARG B 331 -33.65 -1.44 1.66
CA ARG B 331 -33.34 -0.65 2.84
C ARG B 331 -32.77 0.71 2.44
N HIS B 332 -31.83 0.70 1.51
CA HIS B 332 -31.24 1.94 1.03
C HIS B 332 -32.11 2.67 0.03
N LEU B 333 -33.03 1.96 -0.63
CA LEU B 333 -33.86 2.62 -1.64
C LEU B 333 -35.06 3.31 -1.03
N ARG B 334 -35.67 2.71 0.00
CA ARG B 334 -36.85 3.31 0.62
C ARG B 334 -36.49 4.55 1.42
N GLN B 335 -35.28 4.60 1.98
CA GLN B 335 -34.86 5.73 2.80
C GLN B 335 -34.54 6.97 1.96
N GLU B 336 -34.53 6.86 0.64
CA GLU B 336 -34.40 8.05 -0.21
C GLU B 336 -35.62 8.94 -0.09
N GLU B 337 -36.81 8.35 -0.03
CA GLU B 337 -38.04 9.11 0.12
C GLU B 337 -39.10 8.28 0.82
#